data_9L2N
#
_entry.id   9L2N
#
_cell.length_a   57.213
_cell.length_b   90.806
_cell.length_c   114.554
_cell.angle_alpha   90.00
_cell.angle_beta   90.00
_cell.angle_gamma   90.00
#
_symmetry.space_group_name_H-M   'P 21 21 21'
#
loop_
_entity.id
_entity.type
_entity.pdbx_description
1 polymer 'Actin, alpha skeletal muscle'
2 polymer 'Actin-binding protein fragmin P'
3 non-polymer "ADENOSINE-5'-DIPHOSPHATE"
4 non-polymer 'PHOSPHATE ION'
5 non-polymer 'MAGNESIUM ION'
6 non-polymer '(3S,3aR,4S,6S,6aR,7E,10S,12R,13E,15R,15aR)-3-benzyl-6,12-dihydroxy-4,10,12-trimethyl-5-methylidene-1,11-dioxo-2,3,3a,4,5,6,6a,9,10,11,12,15-dodecahydro-1H-cycloundeca[d]isoindol-15-yl acetate'
7 non-polymer 'CALCIUM ION'
8 non-polymer 1,2-ETHANEDIOL
9 water water
#
loop_
_entity_poly.entity_id
_entity_poly.type
_entity_poly.pdbx_seq_one_letter_code
_entity_poly.pdbx_strand_id
1 'polypeptide(L)'
;DEDETTALVCDNGSGLVKAGFAGDDAPRAVFPSIVGRPRHQGVMVGMGQKDSYVGDEAQSKRGILTLKYPIE(HIC)GII
TNWDDMEKIWHHTFYNELRVAPEEHPTLLTEAPLNPKANREKMTQIMFETFNVPAMYVAIQAVLSLYASGRTTGIVLDSG
DGVTHNVPIYEGYALPHAIMRLDLAGRDLTDYLMKILTERGYSFVTTAEREIVRDIKEKLCYVALDFENEMATAASSSSL
EKSYELPDGQVITIGNERFRCPETLFQPSFIGMESAGIHETTYNSIMKCDIDIRKDLYANNVMSGGTTMYPGIADRMQKE
ITALAPSTMKIKIIAPPERKYSVWIGGSILASLSTFQQMWITKQEYDEAGPSIVHRKCF
;
A
2 'polypeptide(L)'
;GPMQKQKEYNIADSAIANLGTELEKKVKLEASQHEDAWKGAGKQVGVEIWRIQQFKVVPVPKKHHGSFYTGDSYIVLSTY
HPKTNPDKLAYDVHFWLGAFTTQDEAGTAAYKTVELDDYLGGLPVQYREVQGYESERFLSLFPKGGLRILDGGVETGFHH
VE
;
B
#
# COMPACT_ATOMS: atom_id res chain seq x y z
N THR A 5 13.30 19.01 11.32
CA THR A 5 12.48 19.01 10.11
C THR A 5 11.79 17.66 9.92
N THR A 6 10.48 17.64 10.12
CA THR A 6 9.69 16.42 9.94
C THR A 6 8.97 16.49 8.60
N ALA A 7 9.03 15.39 7.86
CA ALA A 7 8.33 15.29 6.60
C ALA A 7 6.87 14.94 6.82
N LEU A 8 6.03 15.37 5.90
CA LEU A 8 4.63 15.00 5.84
C LEU A 8 4.45 13.83 4.88
N VAL A 9 3.50 12.96 5.20
CA VAL A 9 3.09 11.88 4.31
C VAL A 9 1.61 12.04 4.02
N CYS A 10 1.27 12.21 2.75
CA CYS A 10 -0.12 12.40 2.34
C CYS A 10 -0.45 11.40 1.26
N ASP A 11 -1.30 10.44 1.60
CA ASP A 11 -1.80 9.43 0.66
C ASP A 11 -3.17 9.91 0.18
N ASN A 12 -3.20 10.54 -1.01
CA ASN A 12 -4.47 11.06 -1.51
C ASN A 12 -5.23 9.94 -2.20
N GLY A 13 -6.15 9.31 -1.48
CA GLY A 13 -6.98 8.30 -2.08
C GLY A 13 -8.12 8.92 -2.86
N SER A 14 -8.71 8.11 -3.75
CA SER A 14 -9.90 8.58 -4.45
C SER A 14 -11.03 8.88 -3.47
N GLY A 15 -11.12 8.12 -2.39
CA GLY A 15 -12.17 8.30 -1.41
C GLY A 15 -11.75 9.04 -0.14
N LEU A 16 -10.53 8.79 0.35
CA LEU A 16 -10.11 9.29 1.65
C LEU A 16 -8.72 9.92 1.55
N VAL A 17 -8.54 11.06 2.21
CA VAL A 17 -7.21 11.57 2.48
C VAL A 17 -6.66 10.86 3.70
N LYS A 18 -5.46 10.29 3.57
CA LYS A 18 -4.71 9.83 4.74
C LYS A 18 -3.45 10.66 4.83
N ALA A 19 -3.35 11.48 5.88
CA ALA A 19 -2.20 12.37 6.02
C ALA A 19 -1.68 12.35 7.45
N GLY A 20 -0.43 12.76 7.59
CA GLY A 20 0.20 12.78 8.90
C GLY A 20 1.70 13.00 8.77
N PHE A 21 2.43 12.58 9.79
CA PHE A 21 3.84 12.91 9.96
C PHE A 21 4.71 11.67 9.82
N ALA A 22 5.79 11.80 9.06
CA ALA A 22 6.76 10.71 8.98
C ALA A 22 7.23 10.31 10.37
N GLY A 23 7.29 9.00 10.63
CA GLY A 23 7.69 8.48 11.91
C GLY A 23 6.53 8.13 12.82
N ASP A 24 5.34 8.64 12.55
CA ASP A 24 4.14 8.16 13.24
C ASP A 24 3.73 6.80 12.71
N ASP A 25 3.08 6.00 13.56
CA ASP A 25 2.68 4.67 13.14
C ASP A 25 1.29 4.66 12.49
N ALA A 26 0.66 5.81 12.34
CA ALA A 26 -0.64 5.90 11.70
C ALA A 26 -0.87 7.33 11.24
N PRO A 27 -1.72 7.55 10.23
CA PRO A 27 -2.04 8.91 9.82
C PRO A 27 -2.93 9.58 10.85
N ARG A 28 -2.57 10.81 11.21
CA ARG A 28 -3.32 11.59 12.18
C ARG A 28 -4.55 12.27 11.61
N ALA A 29 -4.66 12.37 10.28
CA ALA A 29 -5.80 12.97 9.62
C ALA A 29 -6.33 12.00 8.56
N VAL A 30 -7.57 11.56 8.74
CA VAL A 30 -8.21 10.67 7.78
C VAL A 30 -9.61 11.21 7.57
N PHE A 31 -9.93 11.63 6.35
CA PHE A 31 -11.21 12.29 6.14
C PHE A 31 -11.61 12.17 4.68
N PRO A 32 -12.89 12.31 4.37
CA PRO A 32 -13.34 12.09 2.98
C PRO A 32 -12.76 13.12 2.03
N SER A 33 -12.30 12.63 0.89
CA SER A 33 -11.76 13.48 -0.17
C SER A 33 -12.94 14.02 -0.99
N ILE A 34 -13.67 14.95 -0.38
CA ILE A 34 -14.92 15.49 -0.94
C ILE A 34 -15.00 16.98 -0.70
N VAL A 35 -15.66 17.67 -1.63
CA VAL A 35 -16.06 19.06 -1.49
C VAL A 35 -17.57 19.12 -1.63
N GLY A 36 -18.24 19.80 -0.70
CA GLY A 36 -19.69 19.88 -0.70
C GLY A 36 -20.10 21.31 -0.97
N ARG A 37 -21.10 21.48 -1.84
CA ARG A 37 -21.70 22.77 -2.13
C ARG A 37 -23.20 22.67 -1.94
N PRO A 38 -23.88 23.78 -1.66
CA PRO A 38 -25.33 23.73 -1.46
C PRO A 38 -26.04 22.99 -2.57
N ARG A 39 -26.85 22.02 -2.16
CA ARG A 39 -27.65 21.26 -3.10
C ARG A 39 -28.65 22.16 -3.83
N HIS A 40 -29.19 23.17 -3.15
CA HIS A 40 -30.00 24.20 -3.79
C HIS A 40 -29.09 25.24 -4.45
N GLN A 41 -29.11 25.28 -5.77
CA GLN A 41 -28.42 26.33 -6.50
C GLN A 41 -29.12 27.66 -6.29
N ASP A 51 -20.35 29.14 -1.70
CA ASP A 51 -19.57 28.62 -0.59
C ASP A 51 -19.38 27.11 -0.72
N SER A 52 -18.40 26.56 -0.01
CA SER A 52 -18.09 25.15 -0.10
C SER A 52 -17.49 24.67 1.21
N TYR A 53 -17.68 23.38 1.50
CA TYR A 53 -17.22 22.69 2.71
C TYR A 53 -16.38 21.49 2.31
N VAL A 54 -15.45 21.09 3.17
CA VAL A 54 -14.48 20.03 2.86
C VAL A 54 -14.47 18.95 3.94
N GLY A 55 -14.39 17.68 3.51
CA GLY A 55 -13.98 16.61 4.41
C GLY A 55 -15.08 16.16 5.35
N ASP A 56 -14.72 15.98 6.63
CA ASP A 56 -15.68 15.53 7.62
C ASP A 56 -16.85 16.50 7.74
N GLU A 57 -16.58 17.80 7.61
CA GLU A 57 -17.66 18.78 7.82
C GLU A 57 -18.66 18.71 6.67
N ALA A 58 -18.17 18.63 5.43
CA ALA A 58 -19.08 18.39 4.32
C ALA A 58 -19.89 17.11 4.54
N GLN A 59 -19.22 16.04 4.98
CA GLN A 59 -19.91 14.79 5.25
C GLN A 59 -20.95 14.97 6.35
N SER A 60 -20.61 15.76 7.37
CA SER A 60 -21.52 15.95 8.50
C SER A 60 -22.81 16.62 8.06
N LYS A 61 -22.76 17.59 7.16
N LYS A 61 -22.71 17.55 7.10
CA LYS A 61 -24.04 18.12 6.73
CA LYS A 61 -23.79 18.42 6.66
C LYS A 61 -24.24 17.96 5.23
C LYS A 61 -24.29 18.07 5.26
N ARG A 62 -24.06 16.72 4.75
N ARG A 62 -24.06 16.82 4.83
CA ARG A 62 -24.49 16.35 3.42
CA ARG A 62 -24.47 16.42 3.49
C ARG A 62 -26.00 16.45 3.25
C ARG A 62 -25.97 16.60 3.26
N GLY A 63 -26.74 16.67 4.35
CA GLY A 63 -28.19 16.82 4.23
C GLY A 63 -28.61 18.02 3.42
N ILE A 64 -27.77 19.06 3.36
CA ILE A 64 -28.09 20.22 2.54
C ILE A 64 -27.05 20.46 1.45
N LEU A 65 -26.10 19.53 1.28
CA LEU A 65 -25.06 19.65 0.27
C LEU A 65 -25.17 18.58 -0.80
N THR A 66 -24.64 18.90 -1.97
CA THR A 66 -24.28 17.92 -2.99
C THR A 66 -22.77 17.71 -2.91
N LEU A 67 -22.37 16.45 -2.80
CA LEU A 67 -20.98 16.08 -2.56
C LEU A 67 -20.29 15.70 -3.85
N LYS A 68 -19.08 16.19 -4.05
CA LYS A 68 -18.30 15.85 -5.24
C LYS A 68 -16.90 15.42 -4.83
N TYR A 69 -16.44 14.33 -5.46
CA TYR A 69 -15.08 13.84 -5.28
C TYR A 69 -14.17 14.42 -6.36
N PRO A 70 -13.13 15.17 -6.02
CA PRO A 70 -12.21 15.69 -7.06
C PRO A 70 -11.34 14.62 -7.68
N ILE A 71 -11.20 13.45 -7.06
CA ILE A 71 -10.45 12.33 -7.63
C ILE A 71 -11.42 11.26 -8.05
N GLU A 72 -11.30 10.81 -9.30
CA GLU A 72 -12.07 9.67 -9.80
C GLU A 72 -11.15 8.65 -10.44
N GLY A 74 -8.57 7.32 -9.26
CA GLY A 74 -7.19 7.65 -8.97
C GLY A 74 -6.64 8.89 -9.66
N ILE A 75 -7.48 9.54 -10.47
CA ILE A 75 -7.06 10.68 -11.28
C ILE A 75 -7.78 11.92 -10.78
N ILE A 76 -7.04 13.01 -10.59
CA ILE A 76 -7.66 14.27 -10.20
C ILE A 76 -8.38 14.86 -11.40
N THR A 77 -9.71 15.00 -11.29
CA THR A 77 -10.53 15.52 -12.38
C THR A 77 -11.08 16.90 -12.12
N ASN A 78 -10.93 17.41 -10.89
CA ASN A 78 -11.30 18.78 -10.54
C ASN A 78 -10.12 19.35 -9.78
N TRP A 79 -9.25 20.06 -10.51
CA TRP A 79 -8.03 20.58 -9.88
C TRP A 79 -8.33 21.71 -8.92
N ASP A 80 -9.37 22.50 -9.18
CA ASP A 80 -9.74 23.54 -8.23
C ASP A 80 -10.15 22.94 -6.90
N ASP A 81 -11.00 21.90 -6.94
CA ASP A 81 -11.43 21.29 -5.69
C ASP A 81 -10.30 20.51 -5.02
N MET A 82 -9.40 19.92 -5.80
CA MET A 82 -8.30 19.14 -5.21
C MET A 82 -7.39 20.09 -4.42
N GLU A 83 -7.13 21.28 -4.97
CA GLU A 83 -6.40 22.30 -4.23
C GLU A 83 -7.09 22.62 -2.91
N LYS A 84 -8.42 22.70 -2.91
CA LYS A 84 -9.16 22.92 -1.68
C LYS A 84 -8.88 21.78 -0.69
N ILE A 85 -8.80 20.55 -1.18
CA ILE A 85 -8.55 19.40 -0.31
CA ILE A 85 -8.57 19.44 -0.27
C ILE A 85 -7.16 19.49 0.30
N TRP A 86 -6.16 19.77 -0.53
CA TRP A 86 -4.80 19.91 -0.01
C TRP A 86 -4.71 21.05 0.98
N HIS A 87 -5.32 22.20 0.66
CA HIS A 87 -5.30 23.33 1.59
C HIS A 87 -5.91 22.94 2.93
N HIS A 88 -7.05 22.25 2.88
CA HIS A 88 -7.71 21.77 4.10
C HIS A 88 -6.82 20.83 4.89
N THR A 89 -6.17 19.88 4.20
CA THR A 89 -5.28 18.95 4.86
C THR A 89 -4.18 19.68 5.63
N PHE A 90 -3.52 20.66 4.99
CA PHE A 90 -2.40 21.34 5.63
C PHE A 90 -2.88 22.27 6.74
N TYR A 91 -3.77 23.20 6.40
CA TYR A 91 -4.07 24.30 7.31
C TYR A 91 -5.15 23.98 8.33
N ASN A 92 -6.11 23.14 7.98
CA ASN A 92 -7.24 22.89 8.88
C ASN A 92 -7.14 21.57 9.63
N GLU A 93 -6.63 20.49 9.02
CA GLU A 93 -6.49 19.21 9.73
C GLU A 93 -5.14 19.16 10.45
N LEU A 94 -4.05 18.99 9.70
CA LEU A 94 -2.73 18.90 10.35
C LEU A 94 -2.31 20.20 11.01
N ARG A 95 -2.86 21.34 10.58
CA ARG A 95 -2.51 22.66 11.09
C ARG A 95 -1.00 22.88 11.04
N VAL A 96 -0.43 22.71 9.85
CA VAL A 96 0.98 22.93 9.62
C VAL A 96 1.12 23.97 8.52
N ALA A 97 2.33 24.52 8.41
CA ALA A 97 2.65 25.44 7.33
C ALA A 97 3.40 24.65 6.28
N PRO A 98 2.81 24.37 5.12
CA PRO A 98 3.43 23.41 4.19
C PRO A 98 4.81 23.84 3.71
N GLU A 99 5.08 25.14 3.66
CA GLU A 99 6.41 25.57 3.26
C GLU A 99 7.51 25.09 4.22
N GLU A 100 7.14 24.54 5.37
CA GLU A 100 8.13 24.07 6.33
C GLU A 100 8.33 22.56 6.30
N HIS A 101 7.64 21.83 5.42
CA HIS A 101 7.64 20.37 5.49
C HIS A 101 7.90 19.71 4.15
N PRO A 102 8.98 18.95 4.01
CA PRO A 102 9.10 18.07 2.85
C PRO A 102 7.89 17.15 2.86
N THR A 103 7.29 16.92 1.69
CA THR A 103 6.03 16.18 1.61
C THR A 103 6.11 15.01 0.66
N LEU A 104 5.74 13.83 1.16
CA LEU A 104 5.63 12.62 0.37
C LEU A 104 4.18 12.44 -0.08
N LEU A 105 3.97 12.34 -1.38
CA LEU A 105 2.68 12.06 -2.00
C LEU A 105 2.70 10.66 -2.59
N THR A 106 1.51 10.16 -2.93
CA THR A 106 1.38 8.83 -3.51
C THR A 106 0.55 8.87 -4.80
N GLU A 107 0.68 7.82 -5.61
CA GLU A 107 -0.12 7.74 -6.82
C GLU A 107 -0.34 6.29 -7.21
N ALA A 108 -1.49 6.02 -7.82
CA ALA A 108 -1.72 4.74 -8.46
C ALA A 108 -0.91 4.65 -9.76
N PRO A 109 -0.48 3.45 -10.15
CA PRO A 109 0.31 3.32 -11.38
C PRO A 109 -0.56 3.49 -12.61
N LEU A 110 0.10 3.76 -13.74
CA LEU A 110 -0.54 3.89 -15.07
C LEU A 110 -1.50 5.08 -15.15
N ASN A 111 -1.34 6.07 -14.27
CA ASN A 111 -2.08 7.31 -14.40
C ASN A 111 -1.55 8.11 -15.60
N PRO A 112 -2.36 8.98 -16.18
CA PRO A 112 -1.84 9.91 -17.18
C PRO A 112 -0.73 10.77 -16.57
N LYS A 113 0.35 10.96 -17.34
CA LYS A 113 1.54 11.63 -16.81
C LYS A 113 1.25 13.06 -16.34
N ALA A 114 0.21 13.70 -16.87
CA ALA A 114 -0.09 15.06 -16.47
C ALA A 114 -0.51 15.14 -15.01
N ASN A 115 -1.07 14.05 -14.46
CA ASN A 115 -1.56 14.08 -13.09
C ASN A 115 -0.44 14.39 -12.11
N ARG A 116 0.66 13.61 -12.17
CA ARG A 116 1.75 13.83 -11.22
C ARG A 116 2.60 15.05 -11.58
N GLU A 117 2.62 15.44 -12.86
CA GLU A 117 3.24 16.71 -13.25
C GLU A 117 2.52 17.88 -12.57
N LYS A 118 1.19 17.87 -12.61
CA LYS A 118 0.44 18.96 -12.02
C LYS A 118 0.43 18.87 -10.50
N MET A 119 0.46 17.67 -9.93
CA MET A 119 0.64 17.55 -8.49
C MET A 119 1.93 18.24 -8.06
N THR A 120 3.00 18.01 -8.82
CA THR A 120 4.29 18.63 -8.52
C THR A 120 4.22 20.14 -8.64
N GLN A 121 3.55 20.62 -9.70
CA GLN A 121 3.45 22.06 -9.91
C GLN A 121 2.71 22.73 -8.76
N ILE A 122 1.54 22.20 -8.38
CA ILE A 122 0.79 22.85 -7.30
C ILE A 122 1.55 22.78 -5.97
N MET A 123 2.24 21.68 -5.70
CA MET A 123 2.89 21.57 -4.40
C MET A 123 3.97 22.64 -4.26
N PHE A 124 4.70 22.91 -5.33
CA PHE A 124 5.77 23.90 -5.26
C PHE A 124 5.26 25.32 -5.49
N GLU A 125 4.39 25.50 -6.48
CA GLU A 125 4.00 26.86 -6.83
C GLU A 125 2.92 27.41 -5.90
N THR A 126 1.97 26.57 -5.47
CA THR A 126 0.91 27.03 -4.58
C THR A 126 1.26 26.87 -3.10
N PHE A 127 1.72 25.69 -2.70
CA PHE A 127 1.96 25.43 -1.29
C PHE A 127 3.42 25.66 -0.88
N ASN A 128 4.32 25.83 -1.84
N ASN A 128 4.32 25.83 -1.84
CA ASN A 128 5.72 26.20 -1.60
CA ASN A 128 5.71 26.21 -1.57
C ASN A 128 6.41 25.20 -0.67
C ASN A 128 6.42 25.20 -0.68
N VAL A 129 6.15 23.91 -0.88
CA VAL A 129 6.83 22.90 -0.08
C VAL A 129 8.32 22.98 -0.39
N PRO A 130 9.18 22.70 0.58
CA PRO A 130 10.62 22.74 0.32
C PRO A 130 11.13 21.58 -0.51
N ALA A 131 10.41 20.45 -0.51
CA ALA A 131 10.81 19.25 -1.21
C ALA A 131 9.58 18.36 -1.30
N MET A 132 9.54 17.49 -2.30
CA MET A 132 8.47 16.51 -2.34
C MET A 132 8.91 15.31 -3.17
N TYR A 133 8.07 14.28 -3.14
CA TYR A 133 8.32 13.04 -3.85
C TYR A 133 6.97 12.37 -4.08
N VAL A 134 6.86 11.62 -5.18
CA VAL A 134 5.67 10.85 -5.51
C VAL A 134 6.06 9.38 -5.58
N ALA A 135 5.42 8.55 -4.76
CA ALA A 135 5.70 7.12 -4.71
C ALA A 135 4.48 6.31 -5.17
N ILE A 136 4.76 5.19 -5.84
CA ILE A 136 3.70 4.24 -6.23
C ILE A 136 3.10 3.60 -4.99
N GLN A 137 1.77 3.62 -4.91
CA GLN A 137 1.07 3.18 -3.69
C GLN A 137 1.39 1.73 -3.35
N ALA A 138 1.27 0.82 -4.33
CA ALA A 138 1.49 -0.60 -4.04
C ALA A 138 2.90 -0.86 -3.53
N VAL A 139 3.88 -0.08 -3.98
CA VAL A 139 5.24 -0.34 -3.52
C VAL A 139 5.38 0.00 -2.05
N LEU A 140 4.80 1.14 -1.64
CA LEU A 140 4.80 1.48 -0.22
C LEU A 140 4.18 0.36 0.62
N SER A 141 3.09 -0.25 0.13
N SER A 141 3.10 -0.26 0.13
CA SER A 141 2.44 -1.32 0.90
CA SER A 141 2.44 -1.31 0.91
C SER A 141 3.35 -2.54 1.04
C SER A 141 3.30 -2.56 1.02
N LEU A 142 4.07 -2.90 -0.02
CA LEU A 142 4.97 -4.05 0.09
C LEU A 142 6.02 -3.81 1.17
N TYR A 143 6.66 -2.64 1.16
CA TYR A 143 7.66 -2.35 2.18
C TYR A 143 7.04 -2.34 3.57
N ALA A 144 5.80 -1.86 3.69
CA ALA A 144 5.15 -1.88 4.99
C ALA A 144 4.96 -3.31 5.48
N SER A 145 4.84 -4.27 4.57
CA SER A 145 4.69 -5.68 4.94
C SER A 145 6.03 -6.33 5.24
N GLY A 146 7.12 -5.60 5.12
CA GLY A 146 8.44 -6.15 5.39
C GLY A 146 8.96 -7.06 4.29
N ARG A 147 8.68 -6.73 3.04
CA ARG A 147 9.07 -7.53 1.89
C ARG A 147 9.71 -6.65 0.83
N THR A 148 10.61 -7.27 0.03
CA THR A 148 11.10 -6.63 -1.20
C THR A 148 10.63 -7.36 -2.46
N THR A 149 10.09 -8.57 -2.33
CA THR A 149 9.55 -9.33 -3.46
C THR A 149 8.16 -9.81 -3.12
N GLY A 150 7.22 -9.56 -4.03
CA GLY A 150 5.85 -10.01 -3.85
C GLY A 150 4.98 -9.31 -4.86
N ILE A 151 3.68 -9.63 -4.84
CA ILE A 151 2.74 -8.96 -5.72
C ILE A 151 1.62 -8.36 -4.89
N VAL A 152 1.41 -7.07 -5.06
CA VAL A 152 0.45 -6.31 -4.27
C VAL A 152 -0.83 -6.18 -5.08
N LEU A 153 -1.96 -6.46 -4.44
CA LEU A 153 -3.27 -6.08 -4.93
C LEU A 153 -3.72 -4.91 -4.07
N ASP A 154 -3.83 -3.73 -4.67
CA ASP A 154 -4.27 -2.55 -3.95
C ASP A 154 -5.60 -2.11 -4.54
N SER A 155 -6.60 -1.96 -3.67
CA SER A 155 -7.94 -1.57 -4.11
C SER A 155 -8.50 -0.58 -3.10
N GLY A 156 -8.68 0.66 -3.54
CA GLY A 156 -9.24 1.71 -2.71
C GLY A 156 -10.67 2.04 -3.14
N ASP A 157 -10.97 3.34 -3.21
CA ASP A 157 -12.27 3.77 -3.68
C ASP A 157 -12.32 3.98 -5.18
N GLY A 158 -11.17 4.06 -5.86
CA GLY A 158 -11.20 4.41 -7.27
C GLY A 158 -10.54 3.41 -8.21
N VAL A 159 -9.44 2.79 -7.78
CA VAL A 159 -8.59 1.98 -8.63
C VAL A 159 -8.32 0.65 -7.95
N THR A 160 -8.28 -0.42 -8.74
CA THR A 160 -7.65 -1.68 -8.32
C THR A 160 -6.41 -1.91 -9.16
N HIS A 161 -5.26 -2.09 -8.52
CA HIS A 161 -4.04 -2.30 -9.29
C HIS A 161 -3.24 -3.47 -8.71
N ASN A 162 -2.60 -4.21 -9.62
CA ASN A 162 -1.72 -5.29 -9.27
C ASN A 162 -0.30 -4.87 -9.62
N VAL A 163 0.59 -4.85 -8.63
CA VAL A 163 1.97 -4.51 -8.93
C VAL A 163 2.89 -5.63 -8.43
N PRO A 164 3.49 -6.38 -9.35
CA PRO A 164 4.56 -7.31 -8.95
C PRO A 164 5.86 -6.56 -8.78
N ILE A 165 6.59 -6.93 -7.73
CA ILE A 165 7.77 -6.22 -7.25
C ILE A 165 8.85 -7.26 -6.98
N TYR A 166 10.06 -7.02 -7.50
CA TYR A 166 11.15 -7.96 -7.37
C TYR A 166 12.39 -7.22 -6.89
N GLU A 167 12.94 -7.69 -5.76
CA GLU A 167 14.14 -7.10 -5.17
C GLU A 167 13.97 -5.60 -5.01
N GLY A 168 12.75 -5.20 -4.61
CA GLY A 168 12.42 -3.85 -4.21
C GLY A 168 11.82 -2.97 -5.28
N TYR A 169 11.90 -3.38 -6.55
CA TYR A 169 11.50 -2.57 -7.68
C TYR A 169 10.25 -3.12 -8.35
N ALA A 170 9.25 -2.26 -8.53
CA ALA A 170 8.09 -2.62 -9.34
C ALA A 170 8.53 -3.02 -10.74
N LEU A 171 7.74 -3.93 -11.33
CA LEU A 171 7.98 -4.44 -12.68
C LEU A 171 6.91 -3.82 -13.56
N PRO A 172 7.17 -2.66 -14.16
CA PRO A 172 6.08 -1.91 -14.79
C PRO A 172 5.42 -2.63 -15.96
N HIS A 173 6.18 -3.47 -16.68
CA HIS A 173 5.58 -4.18 -17.81
C HIS A 173 4.50 -5.15 -17.37
N ALA A 174 4.52 -5.60 -16.12
CA ALA A 174 3.59 -6.59 -15.59
C ALA A 174 2.49 -5.99 -14.73
N ILE A 175 2.47 -4.67 -14.53
CA ILE A 175 1.43 -4.06 -13.72
C ILE A 175 0.09 -4.18 -14.42
N MET A 176 -0.95 -4.49 -13.66
CA MET A 176 -2.29 -4.56 -14.17
C MET A 176 -3.13 -3.53 -13.42
N ARG A 177 -4.06 -2.90 -14.14
CA ARG A 177 -4.88 -1.85 -13.54
C ARG A 177 -6.32 -2.02 -13.99
N LEU A 178 -7.25 -1.77 -13.07
CA LEU A 178 -8.68 -1.94 -13.33
C LEU A 178 -9.41 -0.78 -12.66
N ASP A 179 -10.01 0.10 -13.47
CA ASP A 179 -10.82 1.20 -12.93
C ASP A 179 -12.17 0.66 -12.45
N LEU A 180 -12.07 -0.23 -11.46
CA LEU A 180 -13.21 -0.79 -10.74
C LEU A 180 -12.75 -0.93 -9.31
N ALA A 181 -13.40 -0.23 -8.38
CA ALA A 181 -12.98 -0.32 -6.99
C ALA A 181 -14.17 0.09 -6.11
N GLY A 182 -13.89 0.66 -4.95
CA GLY A 182 -14.92 0.82 -3.92
C GLY A 182 -16.10 1.65 -4.36
N ARG A 183 -15.86 2.75 -5.10
CA ARG A 183 -16.98 3.62 -5.45
C ARG A 183 -17.94 2.91 -6.41
N ASP A 184 -17.39 2.09 -7.30
CA ASP A 184 -18.22 1.31 -8.20
C ASP A 184 -19.03 0.27 -7.44
N LEU A 185 -18.47 -0.28 -6.37
CA LEU A 185 -19.21 -1.23 -5.56
C LEU A 185 -20.32 -0.55 -4.78
N THR A 186 -20.05 0.64 -4.21
CA THR A 186 -21.10 1.41 -3.57
C THR A 186 -22.23 1.71 -4.55
N ASP A 187 -21.88 2.17 -5.76
CA ASP A 187 -22.91 2.47 -6.76
C ASP A 187 -23.73 1.23 -7.09
N TYR A 188 -23.07 0.06 -7.14
CA TYR A 188 -23.77 -1.15 -7.49
C TYR A 188 -24.68 -1.60 -6.36
N LEU A 189 -24.25 -1.43 -5.11
CA LEU A 189 -25.14 -1.71 -3.99
C LEU A 189 -26.34 -0.78 -4.02
N MET A 190 -26.13 0.50 -4.35
CA MET A 190 -27.27 1.42 -4.46
C MET A 190 -28.28 0.88 -5.47
N LYS A 191 -27.78 0.39 -6.60
CA LYS A 191 -28.64 -0.10 -7.66
C LYS A 191 -29.43 -1.33 -7.20
N ILE A 192 -28.74 -2.33 -6.63
CA ILE A 192 -29.46 -3.56 -6.32
C ILE A 192 -30.33 -3.40 -5.07
N LEU A 193 -29.99 -2.48 -4.17
CA LEU A 193 -30.87 -2.21 -3.05
C LEU A 193 -32.14 -1.51 -3.53
N THR A 194 -32.00 -0.58 -4.47
CA THR A 194 -33.16 0.04 -5.09
C THR A 194 -34.06 -1.00 -5.75
N GLU A 195 -33.45 -2.06 -6.29
CA GLU A 195 -34.23 -3.15 -6.87
C GLU A 195 -34.93 -3.98 -5.79
N ARG A 196 -34.50 -3.88 -4.53
CA ARG A 196 -35.18 -4.55 -3.43
C ARG A 196 -36.38 -3.75 -2.89
N GLY A 197 -36.61 -2.55 -3.40
CA GLY A 197 -37.71 -1.71 -2.96
C GLY A 197 -37.29 -0.42 -2.31
N TYR A 198 -36.03 -0.28 -1.93
CA TYR A 198 -35.52 0.96 -1.37
C TYR A 198 -35.21 1.91 -2.51
N SER A 199 -34.68 3.10 -2.17
CA SER A 199 -34.36 4.08 -3.20
C SER A 199 -33.13 4.85 -2.74
N PHE A 200 -31.98 4.52 -3.29
CA PHE A 200 -30.73 5.20 -2.96
C PHE A 200 -30.16 5.77 -4.26
N VAL A 201 -30.18 7.09 -4.38
CA VAL A 201 -29.87 7.74 -5.66
C VAL A 201 -28.92 8.92 -5.48
N THR A 202 -29.19 9.77 -4.47
CA THR A 202 -28.51 11.05 -4.36
C THR A 202 -27.08 10.87 -3.82
N THR A 203 -26.28 11.94 -3.92
CA THR A 203 -24.91 11.87 -3.42
C THR A 203 -24.87 11.64 -1.92
N ALA A 204 -25.84 12.20 -1.17
CA ALA A 204 -25.92 11.92 0.25
C ALA A 204 -26.30 10.46 0.50
N GLU A 205 -27.26 9.95 -0.28
CA GLU A 205 -27.62 8.55 -0.15
C GLU A 205 -26.49 7.62 -0.57
N ARG A 206 -25.60 8.07 -1.47
CA ARG A 206 -24.42 7.26 -1.79
C ARG A 206 -23.57 7.02 -0.54
N GLU A 207 -23.41 8.06 0.30
CA GLU A 207 -22.61 7.90 1.51
C GLU A 207 -23.28 6.95 2.51
N ILE A 208 -24.61 6.96 2.58
CA ILE A 208 -25.32 6.00 3.42
C ILE A 208 -25.02 4.57 2.96
N VAL A 209 -25.11 4.35 1.64
CA VAL A 209 -24.92 3.00 1.13
C VAL A 209 -23.47 2.57 1.25
N ARG A 210 -22.53 3.52 1.13
CA ARG A 210 -21.13 3.19 1.38
C ARG A 210 -20.95 2.65 2.80
N ASP A 211 -21.67 3.22 3.76
CA ASP A 211 -21.57 2.73 5.12
C ASP A 211 -22.20 1.34 5.25
N ILE A 212 -23.35 1.11 4.61
CA ILE A 212 -23.94 -0.24 4.62
C ILE A 212 -22.96 -1.25 4.06
N LYS A 213 -22.34 -0.91 2.93
CA LYS A 213 -21.35 -1.78 2.29
C LYS A 213 -20.23 -2.15 3.26
N GLU A 214 -19.65 -1.14 3.92
CA GLU A 214 -18.52 -1.36 4.81
C GLU A 214 -18.90 -2.20 6.02
N LYS A 215 -20.13 -2.05 6.52
CA LYS A 215 -20.54 -2.73 7.75
C LYS A 215 -21.05 -4.13 7.51
N LEU A 216 -21.65 -4.41 6.35
CA LEU A 216 -22.48 -5.62 6.20
C LEU A 216 -22.10 -6.54 5.04
N CYS A 217 -21.30 -6.08 4.08
CA CYS A 217 -20.97 -6.91 2.92
C CYS A 217 -19.86 -7.92 3.26
N TYR A 218 -19.80 -8.99 2.47
CA TYR A 218 -18.74 -9.99 2.56
C TYR A 218 -18.63 -10.69 1.22
N VAL A 219 -17.48 -11.34 1.00
CA VAL A 219 -17.23 -12.11 -0.21
C VAL A 219 -17.56 -13.57 0.09
N ALA A 220 -18.49 -14.12 -0.68
CA ALA A 220 -18.87 -15.51 -0.53
C ALA A 220 -17.76 -16.41 -1.04
N LEU A 221 -17.53 -17.52 -0.36
CA LEU A 221 -16.52 -18.46 -0.82
C LEU A 221 -16.98 -19.18 -2.09
N ASP A 222 -18.27 -19.49 -2.18
CA ASP A 222 -18.86 -20.12 -3.35
C ASP A 222 -20.12 -19.32 -3.65
N PHE A 223 -20.07 -18.49 -4.70
CA PHE A 223 -21.17 -17.56 -4.95
C PHE A 223 -22.49 -18.28 -5.19
N GLU A 224 -22.50 -19.28 -6.07
CA GLU A 224 -23.76 -19.98 -6.37
C GLU A 224 -24.32 -20.66 -5.13
N ASN A 225 -23.47 -21.30 -4.31
CA ASN A 225 -23.95 -21.89 -3.07
CA ASN A 225 -23.95 -21.89 -3.07
C ASN A 225 -24.54 -20.83 -2.15
N GLU A 226 -23.88 -19.68 -2.02
CA GLU A 226 -24.40 -18.64 -1.14
C GLU A 226 -25.72 -18.11 -1.64
N MET A 227 -25.88 -18.03 -2.95
CA MET A 227 -27.12 -17.52 -3.49
C MET A 227 -28.25 -18.48 -3.13
N ALA A 228 -27.97 -19.77 -3.12
CA ALA A 228 -28.99 -20.75 -2.76
C ALA A 228 -29.29 -20.72 -1.27
N THR A 229 -28.26 -20.55 -0.44
CA THR A 229 -28.47 -20.37 1.00
C THR A 229 -29.38 -19.18 1.28
N ALA A 230 -29.18 -18.08 0.55
CA ALA A 230 -29.95 -16.87 0.77
C ALA A 230 -31.42 -17.06 0.41
N ALA A 231 -31.71 -17.90 -0.58
CA ALA A 231 -33.10 -18.17 -0.92
C ALA A 231 -33.73 -19.21 0.00
N SER A 232 -32.93 -20.07 0.65
CA SER A 232 -33.50 -21.15 1.45
CA SER A 232 -33.53 -21.14 1.43
C SER A 232 -34.09 -20.66 2.75
N SER A 233 -33.49 -19.63 3.36
CA SER A 233 -33.95 -19.10 4.63
C SER A 233 -33.37 -17.70 4.80
N SER A 234 -33.76 -17.04 5.89
CA SER A 234 -33.29 -15.68 6.18
C SER A 234 -31.99 -15.64 6.97
N SER A 235 -31.23 -16.74 6.99
CA SER A 235 -30.07 -16.85 7.89
C SER A 235 -28.98 -15.81 7.59
N LEU A 236 -28.89 -15.34 6.35
CA LEU A 236 -27.85 -14.41 5.95
C LEU A 236 -28.29 -12.96 6.02
N GLU A 237 -29.52 -12.69 6.43
CA GLU A 237 -30.04 -11.34 6.37
C GLU A 237 -29.55 -10.51 7.56
N LYS A 238 -29.43 -9.21 7.32
CA LYS A 238 -28.98 -8.29 8.35
C LYS A 238 -29.83 -7.04 8.28
N SER A 239 -29.99 -6.39 9.42
CA SER A 239 -30.74 -5.15 9.52
C SER A 239 -29.80 -3.96 9.62
N TYR A 240 -30.32 -2.79 9.24
CA TYR A 240 -29.51 -1.57 9.22
C TYR A 240 -30.40 -0.37 9.46
N GLU A 241 -30.01 0.49 10.40
CA GLU A 241 -30.78 1.69 10.74
C GLU A 241 -30.28 2.88 9.94
N LEU A 242 -31.16 3.47 9.13
CA LEU A 242 -30.84 4.63 8.31
C LEU A 242 -30.76 5.88 9.20
N PRO A 243 -30.20 6.98 8.68
CA PRO A 243 -30.09 8.18 9.53
C PRO A 243 -31.42 8.73 10.01
N ASP A 244 -32.50 8.49 9.27
CA ASP A 244 -33.83 8.96 9.63
C ASP A 244 -34.60 8.01 10.53
N GLY A 245 -33.98 6.93 10.94
CA GLY A 245 -34.61 5.97 11.83
C GLY A 245 -35.21 4.75 11.17
N GLN A 246 -35.49 4.82 9.86
CA GLN A 246 -36.04 3.63 9.23
C GLN A 246 -34.99 2.46 9.25
N VAL A 247 -35.46 1.25 9.48
CA VAL A 247 -34.62 0.08 9.52
C VAL A 247 -34.87 -0.76 8.27
N ILE A 248 -33.83 -1.02 7.51
CA ILE A 248 -33.94 -1.80 6.29
C ILE A 248 -33.32 -3.17 6.51
N THR A 249 -33.63 -4.09 5.62
CA THR A 249 -33.05 -5.43 5.66
C THR A 249 -32.28 -5.69 4.37
N ILE A 250 -31.10 -6.26 4.51
CA ILE A 250 -30.24 -6.60 3.39
C ILE A 250 -30.03 -8.11 3.39
N GLY A 251 -30.14 -8.72 2.22
CA GLY A 251 -29.99 -10.17 2.09
C GLY A 251 -28.81 -10.55 1.24
N ASN A 252 -29.07 -11.17 0.09
CA ASN A 252 -27.96 -11.59 -0.77
C ASN A 252 -27.18 -10.41 -1.34
N GLU A 253 -27.68 -9.18 -1.20
CA GLU A 253 -26.90 -8.01 -1.61
C GLU A 253 -25.60 -7.92 -0.83
N ARG A 254 -25.57 -8.50 0.37
CA ARG A 254 -24.36 -8.49 1.20
C ARG A 254 -23.15 -9.02 0.43
N PHE A 255 -23.32 -10.12 -0.32
CA PHE A 255 -22.21 -10.71 -1.05
C PHE A 255 -22.31 -10.54 -2.56
N ARG A 256 -23.48 -10.20 -3.11
CA ARG A 256 -23.53 -9.86 -4.52
C ARG A 256 -22.74 -8.60 -4.83
N CYS A 257 -22.70 -7.64 -3.89
CA CYS A 257 -22.01 -6.39 -4.18
C CYS A 257 -20.52 -6.61 -4.40
N PRO A 258 -19.76 -7.20 -3.46
CA PRO A 258 -18.32 -7.43 -3.74
C PRO A 258 -18.05 -8.59 -4.70
N GLU A 259 -19.06 -9.42 -5.01
CA GLU A 259 -18.85 -10.42 -6.06
C GLU A 259 -18.37 -9.76 -7.36
N THR A 260 -18.75 -8.49 -7.57
CA THR A 260 -18.37 -7.72 -8.74
C THR A 260 -16.86 -7.68 -8.94
N LEU A 261 -16.09 -7.70 -7.86
CA LEU A 261 -14.62 -7.74 -7.98
C LEU A 261 -14.16 -8.97 -8.75
N PHE A 262 -14.82 -10.11 -8.53
CA PHE A 262 -14.49 -11.33 -9.24
C PHE A 262 -15.25 -11.48 -10.55
N GLN A 263 -16.42 -10.84 -10.67
CA GLN A 263 -17.24 -10.88 -11.88
C GLN A 263 -17.60 -9.45 -12.27
N PRO A 264 -16.69 -8.74 -12.95
CA PRO A 264 -16.97 -7.34 -13.30
C PRO A 264 -18.17 -7.18 -14.22
N SER A 265 -18.63 -8.25 -14.87
CA SER A 265 -19.83 -8.15 -15.69
C SER A 265 -21.07 -7.79 -14.88
N PHE A 266 -21.03 -7.95 -13.54
CA PHE A 266 -22.14 -7.49 -12.71
C PHE A 266 -22.44 -6.01 -12.94
N ILE A 267 -21.46 -5.21 -13.31
CA ILE A 267 -21.69 -3.81 -13.67
C ILE A 267 -21.41 -3.55 -15.14
N GLY A 268 -21.46 -4.60 -15.98
CA GLY A 268 -21.34 -4.40 -17.39
C GLY A 268 -19.93 -4.26 -17.91
N MET A 269 -18.95 -4.67 -17.12
CA MET A 269 -17.54 -4.55 -17.49
C MET A 269 -17.06 -5.90 -18.01
N GLU A 270 -16.40 -5.89 -19.16
CA GLU A 270 -15.89 -7.13 -19.74
C GLU A 270 -14.55 -7.55 -19.14
N SER A 271 -14.01 -6.78 -18.20
CA SER A 271 -12.68 -6.99 -17.65
C SER A 271 -12.57 -8.31 -16.90
N ALA A 272 -11.32 -8.78 -16.77
CA ALA A 272 -11.02 -9.86 -15.84
C ALA A 272 -11.28 -9.42 -14.40
N GLY A 273 -11.72 -10.37 -13.57
CA GLY A 273 -11.85 -10.13 -12.14
C GLY A 273 -10.49 -10.11 -11.44
N ILE A 274 -10.51 -9.77 -10.15
CA ILE A 274 -9.25 -9.48 -9.46
C ILE A 274 -8.39 -10.74 -9.32
N HIS A 275 -9.00 -11.92 -9.30
CA HIS A 275 -8.20 -13.15 -9.26
C HIS A 275 -7.47 -13.34 -10.56
N GLU A 276 -8.14 -13.01 -11.68
N GLU A 276 -8.14 -13.01 -11.67
CA GLU A 276 -7.52 -13.20 -12.99
CA GLU A 276 -7.55 -13.18 -13.00
C GLU A 276 -6.50 -12.11 -13.30
C GLU A 276 -6.49 -12.13 -13.27
N THR A 277 -6.74 -10.87 -12.87
CA THR A 277 -5.72 -9.84 -13.06
C THR A 277 -4.48 -10.16 -12.26
N THR A 278 -4.63 -10.69 -11.05
CA THR A 278 -3.47 -11.11 -10.26
C THR A 278 -2.70 -12.20 -11.00
N TYR A 279 -3.41 -13.22 -11.46
CA TYR A 279 -2.78 -14.32 -12.20
C TYR A 279 -2.10 -13.79 -13.46
N ASN A 280 -2.80 -12.96 -14.23
CA ASN A 280 -2.22 -12.41 -15.45
C ASN A 280 -0.97 -11.59 -15.15
N SER A 281 -0.99 -10.85 -14.04
CA SER A 281 0.18 -10.04 -13.68
C SER A 281 1.38 -10.93 -13.38
N ILE A 282 1.18 -11.97 -12.57
CA ILE A 282 2.25 -12.92 -12.30
C ILE A 282 2.76 -13.56 -13.58
N MET A 283 1.84 -13.92 -14.48
N MET A 283 1.86 -13.93 -14.48
CA MET A 283 2.22 -14.55 -15.74
CA MET A 283 2.29 -14.58 -15.73
C MET A 283 3.06 -13.63 -16.62
C MET A 283 3.06 -13.63 -16.65
N LYS A 284 2.95 -12.31 -16.45
CA LYS A 284 3.77 -11.39 -17.21
C LYS A 284 5.20 -11.34 -16.69
N CYS A 285 5.46 -11.96 -15.54
CA CYS A 285 6.78 -11.91 -14.93
C CYS A 285 7.62 -13.12 -15.33
N ASP A 286 8.93 -12.94 -15.22
CA ASP A 286 9.89 -14.00 -15.52
C ASP A 286 9.52 -15.27 -14.76
N ILE A 287 9.57 -16.42 -15.43
CA ILE A 287 9.10 -17.67 -14.84
CA ILE A 287 9.06 -17.64 -14.82
C ILE A 287 9.73 -17.92 -13.47
N ASP A 288 11.04 -17.70 -13.36
CA ASP A 288 11.74 -18.12 -12.15
C ASP A 288 11.35 -17.33 -10.91
N ILE A 289 10.66 -16.20 -11.04
CA ILE A 289 10.24 -15.46 -9.85
C ILE A 289 8.77 -15.69 -9.50
N ARG A 290 8.04 -16.45 -10.31
CA ARG A 290 6.60 -16.56 -10.10
C ARG A 290 6.25 -17.27 -8.78
N LYS A 291 7.00 -18.31 -8.39
CA LYS A 291 6.68 -18.97 -7.13
CA LYS A 291 6.69 -18.97 -7.13
C LYS A 291 6.76 -17.99 -5.96
N ASP A 292 7.74 -17.08 -5.97
CA ASP A 292 7.85 -16.11 -4.88
C ASP A 292 6.72 -15.09 -4.93
N LEU A 293 6.21 -14.78 -6.12
CA LEU A 293 5.05 -13.90 -6.21
C LEU A 293 3.79 -14.58 -5.69
N TYR A 294 3.57 -15.83 -6.11
CA TYR A 294 2.39 -16.57 -5.63
C TYR A 294 2.40 -16.74 -4.13
N ALA A 295 3.58 -16.92 -3.53
CA ALA A 295 3.65 -17.08 -2.08
C ALA A 295 3.65 -15.76 -1.32
N ASN A 296 3.55 -14.62 -2.02
CA ASN A 296 3.61 -13.31 -1.38
C ASN A 296 2.61 -12.34 -2.03
N ASN A 297 1.34 -12.74 -2.08
CA ASN A 297 0.25 -11.87 -2.52
C ASN A 297 -0.17 -10.99 -1.36
N VAL A 298 0.16 -9.71 -1.40
CA VAL A 298 -0.16 -8.78 -0.31
C VAL A 298 -1.36 -7.92 -0.74
N MET A 299 -2.41 -7.90 0.07
CA MET A 299 -3.56 -7.03 -0.19
C MET A 299 -3.47 -5.74 0.61
N SER A 300 -3.81 -4.64 -0.04
CA SER A 300 -3.87 -3.34 0.65
C SER A 300 -5.03 -2.52 0.11
N GLY A 301 -5.56 -1.65 0.97
CA GLY A 301 -6.64 -0.75 0.61
C GLY A 301 -7.98 -1.21 1.17
N GLY A 302 -8.89 -0.25 1.31
CA GLY A 302 -10.16 -0.51 1.96
C GLY A 302 -11.03 -1.52 1.23
N THR A 303 -10.96 -1.57 -0.10
CA THR A 303 -11.78 -2.54 -0.83
C THR A 303 -11.25 -3.97 -0.69
N THR A 304 -10.09 -4.18 -0.08
CA THR A 304 -9.66 -5.53 0.28
C THR A 304 -10.08 -5.95 1.68
N MET A 305 -10.92 -5.16 2.35
CA MET A 305 -11.35 -5.39 3.72
C MET A 305 -12.59 -6.27 3.87
N TYR A 306 -13.27 -6.63 2.78
CA TYR A 306 -14.44 -7.49 2.90
C TYR A 306 -14.09 -8.79 3.62
N PRO A 307 -14.82 -9.19 4.66
CA PRO A 307 -14.65 -10.55 5.20
C PRO A 307 -14.78 -11.58 4.10
N GLY A 308 -13.91 -12.58 4.12
CA GLY A 308 -13.95 -13.63 3.13
C GLY A 308 -13.09 -13.41 1.89
N ILE A 309 -12.55 -12.21 1.68
CA ILE A 309 -11.88 -11.96 0.40
C ILE A 309 -10.58 -12.73 0.29
N ALA A 310 -9.80 -12.83 1.37
CA ALA A 310 -8.55 -13.56 1.27
C ALA A 310 -8.80 -15.03 0.94
N ASP A 311 -9.78 -15.64 1.59
CA ASP A 311 -10.08 -17.04 1.32
C ASP A 311 -10.57 -17.23 -0.11
N ARG A 312 -11.43 -16.32 -0.58
CA ARG A 312 -11.88 -16.40 -1.96
C ARG A 312 -10.72 -16.25 -2.94
N MET A 313 -9.80 -15.31 -2.67
CA MET A 313 -8.67 -15.14 -3.57
C MET A 313 -7.80 -16.39 -3.58
N GLN A 314 -7.59 -16.98 -2.39
CA GLN A 314 -6.80 -18.21 -2.30
C GLN A 314 -7.40 -19.30 -3.15
N LYS A 315 -8.73 -19.45 -3.09
CA LYS A 315 -9.43 -20.47 -3.86
C LYS A 315 -9.33 -20.18 -5.35
N GLU A 316 -9.58 -18.93 -5.76
CA GLU A 316 -9.63 -18.64 -7.19
C GLU A 316 -8.24 -18.70 -7.83
N ILE A 317 -7.20 -18.20 -7.14
CA ILE A 317 -5.87 -18.28 -7.72
C ILE A 317 -5.41 -19.73 -7.79
N THR A 318 -5.71 -20.52 -6.75
CA THR A 318 -5.44 -21.95 -6.80
C THR A 318 -6.02 -22.59 -8.05
N ALA A 319 -7.25 -22.21 -8.43
CA ALA A 319 -7.86 -22.82 -9.60
C ALA A 319 -7.19 -22.40 -10.90
N LEU A 320 -6.56 -21.22 -10.91
CA LEU A 320 -5.89 -20.70 -12.11
C LEU A 320 -4.44 -21.16 -12.23
N ALA A 321 -3.77 -21.37 -11.10
CA ALA A 321 -2.35 -21.65 -11.06
C ALA A 321 -2.06 -23.12 -11.32
N PRO A 322 -0.80 -23.47 -11.62
CA PRO A 322 -0.43 -24.88 -11.68
C PRO A 322 -0.80 -25.61 -10.39
N SER A 323 -1.13 -26.90 -10.53
CA SER A 323 -1.80 -27.62 -9.44
C SER A 323 -0.96 -27.70 -8.18
N THR A 324 0.36 -27.64 -8.31
CA THR A 324 1.25 -27.77 -7.15
C THR A 324 1.74 -26.42 -6.63
N MET A 325 1.28 -25.30 -7.20
CA MET A 325 1.81 -23.99 -6.84
C MET A 325 1.47 -23.66 -5.38
N LYS A 326 2.47 -23.24 -4.61
CA LYS A 326 2.24 -22.74 -3.25
C LYS A 326 1.75 -21.31 -3.30
N ILE A 327 0.55 -21.07 -2.78
CA ILE A 327 -0.10 -19.77 -2.89
C ILE A 327 -0.42 -19.27 -1.49
N LYS A 328 -0.14 -17.99 -1.23
CA LYS A 328 -0.42 -17.38 0.07
C LYS A 328 -0.90 -15.96 -0.13
N ILE A 329 -2.00 -15.63 0.53
CA ILE A 329 -2.56 -14.28 0.54
C ILE A 329 -2.21 -13.67 1.89
N ILE A 330 -1.54 -12.52 1.88
CA ILE A 330 -1.22 -11.80 3.11
C ILE A 330 -2.18 -10.63 3.23
N ALA A 331 -2.95 -10.60 4.32
CA ALA A 331 -4.00 -9.62 4.51
C ALA A 331 -3.78 -8.90 5.83
N PRO A 332 -2.87 -7.92 5.86
CA PRO A 332 -2.55 -7.23 7.11
C PRO A 332 -3.79 -6.56 7.70
N PRO A 333 -4.03 -6.69 9.01
CA PRO A 333 -5.24 -6.11 9.58
C PRO A 333 -5.32 -4.60 9.42
N GLU A 334 -4.17 -3.94 9.33
CA GLU A 334 -4.07 -2.50 9.18
C GLU A 334 -4.03 -2.07 7.71
N ARG A 335 -4.49 -2.90 6.78
CA ARG A 335 -4.19 -2.64 5.38
C ARG A 335 -4.99 -1.49 4.78
N LYS A 336 -5.94 -0.90 5.52
CA LYS A 336 -6.48 0.38 5.07
C LYS A 336 -5.46 1.50 5.15
N TYR A 337 -4.34 1.28 5.82
CA TYR A 337 -3.34 2.32 6.07
C TYR A 337 -1.95 1.88 5.66
N SER A 338 -1.83 0.72 4.98
CA SER A 338 -0.50 0.17 4.66
CA SER A 338 -0.50 0.18 4.69
C SER A 338 0.28 1.09 3.74
N VAL A 339 -0.38 1.68 2.72
CA VAL A 339 0.31 2.63 1.85
C VAL A 339 0.89 3.78 2.68
N TRP A 340 0.06 4.39 3.53
CA TRP A 340 0.50 5.49 4.37
C TRP A 340 1.67 5.08 5.27
N ILE A 341 1.55 3.90 5.91
CA ILE A 341 2.59 3.44 6.83
C ILE A 341 3.90 3.18 6.10
N GLY A 342 3.83 2.60 4.90
CA GLY A 342 5.05 2.43 4.12
C GLY A 342 5.69 3.75 3.79
N GLY A 343 4.87 4.78 3.55
CA GLY A 343 5.40 6.11 3.33
C GLY A 343 6.01 6.71 4.59
N SER A 344 5.34 6.54 5.73
CA SER A 344 5.89 7.04 6.99
C SER A 344 7.26 6.43 7.29
N ILE A 345 7.43 5.15 6.99
CA ILE A 345 8.71 4.48 7.19
C ILE A 345 9.76 5.05 6.25
N LEU A 346 9.45 5.09 4.95
CA LEU A 346 10.44 5.56 3.98
C LEU A 346 10.82 7.02 4.23
N ALA A 347 9.83 7.88 4.51
CA ALA A 347 10.15 9.28 4.76
C ALA A 347 10.91 9.48 6.07
N SER A 348 11.00 8.46 6.92
CA SER A 348 11.85 8.54 8.09
C SER A 348 13.31 8.19 7.81
N LEU A 349 13.65 7.85 6.57
CA LEU A 349 15.01 7.47 6.23
C LEU A 349 15.71 8.63 5.54
N SER A 350 16.89 9.00 6.05
N SER A 350 16.89 9.00 6.06
CA SER A 350 17.62 10.13 5.50
CA SER A 350 17.59 10.16 5.49
C SER A 350 17.92 9.96 4.02
C SER A 350 17.92 9.96 4.02
N THR A 351 18.26 8.74 3.61
CA THR A 351 18.65 8.52 2.22
C THR A 351 17.47 8.56 1.26
N PHE A 352 16.27 8.24 1.74
CA PHE A 352 15.11 8.37 0.87
C PHE A 352 14.82 9.84 0.61
N GLN A 353 14.88 10.66 1.65
CA GLN A 353 14.65 12.09 1.48
C GLN A 353 15.72 12.73 0.60
N GLN A 354 16.93 12.15 0.56
CA GLN A 354 17.95 12.65 -0.36
C GLN A 354 17.48 12.63 -1.80
N MET A 355 16.63 11.67 -2.16
CA MET A 355 16.12 11.54 -3.53
C MET A 355 14.98 12.49 -3.86
N TRP A 356 14.46 13.24 -2.88
CA TRP A 356 13.30 14.07 -3.14
C TRP A 356 13.63 15.24 -4.06
N ILE A 357 12.59 15.70 -4.77
CA ILE A 357 12.70 16.90 -5.59
C ILE A 357 12.78 18.12 -4.68
N THR A 358 13.79 18.96 -4.87
CA THR A 358 13.83 20.18 -4.08
C THR A 358 13.13 21.32 -4.79
N LYS A 359 12.76 22.35 -4.02
CA LYS A 359 12.17 23.54 -4.62
C LYS A 359 13.09 24.12 -5.67
N GLN A 360 14.40 24.15 -5.39
CA GLN A 360 15.34 24.68 -6.39
C GLN A 360 15.29 23.87 -7.66
N GLU A 361 15.33 22.54 -7.55
CA GLU A 361 15.27 21.72 -8.75
C GLU A 361 13.99 21.97 -9.53
N TYR A 362 12.86 22.15 -8.83
CA TYR A 362 11.62 22.48 -9.51
C TYR A 362 11.72 23.83 -10.21
N ASP A 363 12.26 24.84 -9.51
CA ASP A 363 12.41 26.17 -10.11
C ASP A 363 13.17 26.11 -11.42
N GLU A 364 14.21 25.29 -11.49
CA GLU A 364 15.04 25.22 -12.67
C GLU A 364 14.50 24.28 -13.74
N ALA A 365 13.85 23.19 -13.35
CA ALA A 365 13.44 22.16 -14.32
C ALA A 365 11.96 22.16 -14.63
N GLY A 366 11.11 22.71 -13.76
CA GLY A 366 9.67 22.66 -13.98
C GLY A 366 9.09 21.29 -13.69
N PRO A 367 7.79 21.13 -13.96
CA PRO A 367 7.10 19.87 -13.61
C PRO A 367 7.73 18.60 -14.16
N SER A 368 8.46 18.66 -15.27
CA SER A 368 9.13 17.47 -15.81
C SER A 368 10.09 16.83 -14.82
N ILE A 369 10.52 17.58 -13.80
CA ILE A 369 11.45 17.05 -12.81
C ILE A 369 10.92 15.78 -12.16
N VAL A 370 9.60 15.63 -12.07
CA VAL A 370 9.03 14.45 -11.39
C VAL A 370 9.40 13.17 -12.14
N HIS A 371 9.57 13.24 -13.46
CA HIS A 371 9.88 12.04 -14.20
C HIS A 371 11.34 11.64 -14.06
N ARG A 372 12.22 12.60 -13.76
CA ARG A 372 13.62 12.31 -13.58
C ARG A 372 13.90 11.71 -12.21
N LYS A 373 13.21 12.18 -11.18
CA LYS A 373 13.51 11.80 -9.82
C LYS A 373 12.53 10.79 -9.25
N CYS A 374 11.34 10.67 -9.82
CA CYS A 374 10.36 9.70 -9.35
C CYS A 374 10.05 8.71 -10.46
N PHE A 375 9.10 9.03 -11.33
CA PHE A 375 8.79 8.20 -12.49
C PHE A 375 7.96 8.98 -13.49
C GLU B 30 24.11 8.89 -5.30
N ALA B 31 23.69 7.92 -4.49
CA ALA B 31 22.46 8.05 -3.71
C ALA B 31 22.51 7.15 -2.48
N SER B 32 22.85 5.87 -2.69
CA SER B 32 23.21 5.02 -1.55
C SER B 32 24.48 5.49 -0.88
N GLN B 33 25.24 6.41 -1.52
CA GLN B 33 26.49 6.92 -0.97
C GLN B 33 26.29 7.75 0.29
N HIS B 34 25.06 8.14 0.62
CA HIS B 34 24.78 8.95 1.79
C HIS B 34 24.53 8.12 3.05
N GLU B 35 24.63 6.80 2.94
CA GLU B 35 24.50 5.89 4.08
C GLU B 35 25.90 5.46 4.53
N ASP B 36 26.37 6.02 5.66
CA ASP B 36 27.70 5.69 6.18
C ASP B 36 27.87 4.19 6.40
N ALA B 37 26.79 3.48 6.69
CA ALA B 37 26.91 2.05 7.03
C ALA B 37 27.46 1.24 5.87
N TRP B 38 27.24 1.68 4.63
CA TRP B 38 27.69 0.89 3.48
C TRP B 38 29.16 1.10 3.14
N LYS B 39 29.79 2.14 3.69
CA LYS B 39 31.18 2.45 3.35
C LYS B 39 32.10 1.31 3.80
N GLY B 40 32.82 0.75 2.84
CA GLY B 40 33.69 -0.37 3.10
C GLY B 40 32.99 -1.71 3.18
N ALA B 41 31.68 -1.77 2.95
CA ALA B 41 30.98 -3.04 2.98
C ALA B 41 31.32 -3.87 1.75
N GLY B 42 31.36 -5.19 1.93
CA GLY B 42 31.53 -6.12 0.84
C GLY B 42 32.89 -6.09 0.18
N LYS B 43 33.93 -5.72 0.93
CA LYS B 43 35.27 -5.58 0.36
C LYS B 43 36.10 -6.84 0.47
N GLN B 44 35.69 -7.80 1.30
CA GLN B 44 36.39 -9.08 1.40
C GLN B 44 35.37 -10.14 1.78
N VAL B 45 35.75 -11.39 1.56
CA VAL B 45 34.88 -12.52 1.90
CA VAL B 45 34.83 -12.48 1.88
C VAL B 45 34.57 -12.51 3.38
N GLY B 46 33.33 -12.78 3.73
CA GLY B 46 32.92 -12.78 5.13
C GLY B 46 31.48 -12.38 5.26
N VAL B 47 31.06 -12.19 6.51
CA VAL B 47 29.69 -11.83 6.85
C VAL B 47 29.72 -10.52 7.60
N GLU B 48 28.91 -9.55 7.15
CA GLU B 48 28.73 -8.26 7.81
C GLU B 48 27.26 -8.15 8.20
N ILE B 49 27.00 -7.57 9.37
CA ILE B 49 25.66 -7.55 9.93
C ILE B 49 25.37 -6.18 10.51
N TRP B 50 24.19 -5.67 10.20
CA TRP B 50 23.68 -4.46 10.81
C TRP B 50 22.31 -4.74 11.40
N ARG B 51 21.96 -3.98 12.44
CA ARG B 51 20.64 -4.01 13.05
C ARG B 51 19.95 -2.68 12.83
N ILE B 52 18.65 -2.73 12.56
CA ILE B 52 17.85 -1.52 12.51
C ILE B 52 17.59 -1.02 13.92
N GLN B 53 17.95 0.24 14.19
CA GLN B 53 17.70 0.85 15.50
C GLN B 53 17.12 2.24 15.27
N GLN B 54 15.83 2.37 15.55
CA GLN B 54 15.06 3.61 15.35
C GLN B 54 15.38 4.23 13.99
N PHE B 55 15.14 3.44 12.96
CA PHE B 55 15.29 3.77 11.54
C PHE B 55 16.73 3.86 11.07
N LYS B 56 17.72 3.71 11.95
CA LYS B 56 19.12 3.80 11.56
C LYS B 56 19.71 2.41 11.35
N VAL B 57 20.68 2.31 10.45
CA VAL B 57 21.38 1.05 10.20
C VAL B 57 22.63 1.05 11.08
N VAL B 58 22.68 0.16 12.07
CA VAL B 58 23.71 0.17 13.09
C VAL B 58 24.52 -1.12 13.01
N PRO B 59 25.84 -1.05 12.85
CA PRO B 59 26.64 -2.29 12.80
C PRO B 59 26.50 -3.13 14.06
N VAL B 60 26.55 -4.43 13.85
CA VAL B 60 26.60 -5.43 14.92
C VAL B 60 28.05 -5.88 15.05
N PRO B 61 28.67 -5.79 16.22
CA PRO B 61 30.06 -6.20 16.34
C PRO B 61 30.22 -7.68 16.00
N LYS B 62 31.38 -8.00 15.41
CA LYS B 62 31.65 -9.34 14.92
C LYS B 62 31.44 -10.41 15.99
N LYS B 63 31.78 -10.10 17.25
CA LYS B 63 31.66 -11.08 18.33
C LYS B 63 30.23 -11.52 18.56
N HIS B 64 29.24 -10.77 18.06
CA HIS B 64 27.83 -11.09 18.25
C HIS B 64 27.20 -11.69 16.99
N HIS B 65 27.95 -11.82 15.90
CA HIS B 65 27.38 -12.32 14.65
C HIS B 65 26.85 -13.72 14.86
N GLY B 66 25.58 -13.91 14.50
CA GLY B 66 24.88 -15.16 14.75
C GLY B 66 23.87 -15.08 15.86
N SER B 67 23.99 -14.09 16.74
CA SER B 67 23.00 -13.85 17.79
C SER B 67 22.08 -12.72 17.35
N PHE B 68 20.78 -12.99 17.37
CA PHE B 68 19.77 -12.06 16.87
C PHE B 68 18.70 -11.86 17.92
N TYR B 69 18.41 -10.60 18.22
CA TYR B 69 17.28 -10.28 19.10
C TYR B 69 15.96 -10.56 18.39
N THR B 70 15.09 -11.33 19.06
CA THR B 70 13.77 -11.67 18.52
C THR B 70 12.90 -10.44 18.31
N GLY B 71 13.16 -9.34 19.01
CA GLY B 71 12.38 -8.14 18.79
C GLY B 71 12.86 -7.22 17.68
N ASP B 72 13.89 -7.61 16.91
CA ASP B 72 14.56 -6.69 16.00
C ASP B 72 14.67 -7.25 14.57
N SER B 73 15.14 -6.39 13.68
CA SER B 73 15.34 -6.73 12.28
C SER B 73 16.78 -6.40 11.93
N TYR B 74 17.34 -7.19 11.01
CA TYR B 74 18.75 -7.16 10.70
C TYR B 74 18.96 -7.21 9.20
N ILE B 75 20.13 -6.74 8.76
CA ILE B 75 20.62 -6.97 7.40
C ILE B 75 21.95 -7.72 7.49
N VAL B 76 22.07 -8.79 6.70
CA VAL B 76 23.24 -9.67 6.71
C VAL B 76 23.77 -9.73 5.29
N LEU B 77 24.96 -9.20 5.08
CA LEU B 77 25.62 -9.26 3.78
C LEU B 77 26.67 -10.36 3.81
N SER B 78 26.49 -11.36 2.96
CA SER B 78 27.47 -12.43 2.81
C SER B 78 28.24 -12.19 1.52
N THR B 79 29.55 -11.95 1.65
CA THR B 79 30.46 -11.77 0.53
C THR B 79 31.25 -13.05 0.33
N TYR B 80 31.29 -13.53 -0.89
CA TYR B 80 31.94 -14.81 -1.15
C TYR B 80 32.55 -14.78 -2.55
N HIS B 81 33.45 -15.76 -2.81
CA HIS B 81 33.99 -15.92 -4.17
C HIS B 81 33.08 -16.79 -5.01
N PRO B 82 32.64 -16.31 -6.18
CA PRO B 82 31.79 -17.14 -7.03
C PRO B 82 32.60 -18.25 -7.66
N LYS B 83 31.89 -19.31 -8.09
CA LYS B 83 32.50 -20.39 -8.85
C LYS B 83 33.25 -19.90 -10.08
N THR B 84 32.76 -18.84 -10.71
CA THR B 84 33.34 -18.38 -11.97
C THR B 84 34.73 -17.76 -11.81
N ASN B 85 35.07 -17.22 -10.64
CA ASN B 85 36.38 -16.58 -10.52
C ASN B 85 36.75 -16.52 -9.04
N PRO B 86 37.79 -17.25 -8.63
CA PRO B 86 38.15 -17.30 -7.21
C PRO B 86 38.76 -16.02 -6.66
N ASP B 87 38.99 -15.02 -7.51
CA ASP B 87 39.56 -13.77 -7.06
C ASP B 87 38.57 -12.62 -7.08
N LYS B 88 37.31 -12.90 -7.38
CA LYS B 88 36.27 -11.88 -7.46
C LYS B 88 35.26 -12.12 -6.36
N LEU B 89 34.35 -11.16 -6.20
CA LEU B 89 33.40 -11.16 -5.09
C LEU B 89 31.97 -11.18 -5.63
N ALA B 90 31.12 -11.99 -4.99
CA ALA B 90 29.68 -12.00 -5.20
C ALA B 90 28.99 -11.85 -3.85
N TYR B 91 27.66 -11.67 -3.86
CA TYR B 91 26.96 -11.20 -2.66
C TYR B 91 25.60 -11.85 -2.51
N ASP B 92 25.34 -12.40 -1.33
CA ASP B 92 23.96 -12.64 -0.86
C ASP B 92 23.65 -11.65 0.24
N VAL B 93 22.49 -11.00 0.14
CA VAL B 93 22.05 -10.08 1.19
C VAL B 93 20.74 -10.60 1.75
N HIS B 94 20.77 -10.94 3.03
CA HIS B 94 19.62 -11.47 3.75
C HIS B 94 19.14 -10.40 4.72
N PHE B 95 17.84 -10.16 4.77
CA PHE B 95 17.32 -9.39 5.90
C PHE B 95 16.51 -10.32 6.78
N TRP B 96 16.76 -10.25 8.08
CA TRP B 96 16.24 -11.20 9.05
C TRP B 96 15.26 -10.46 9.94
N LEU B 97 14.03 -10.98 10.01
CA LEU B 97 12.94 -10.35 10.76
C LEU B 97 12.63 -11.19 11.98
N GLY B 98 12.91 -10.64 13.17
CA GLY B 98 12.57 -11.34 14.40
C GLY B 98 11.07 -11.52 14.56
N ALA B 99 10.69 -12.57 15.30
CA ALA B 99 9.29 -12.89 15.50
C ALA B 99 8.52 -11.73 16.11
N PHE B 100 9.19 -10.86 16.87
CA PHE B 100 8.54 -9.75 17.54
C PHE B 100 9.00 -8.40 17.03
N THR B 101 9.66 -8.34 15.87
CA THR B 101 10.07 -7.04 15.36
C THR B 101 8.84 -6.21 14.98
N THR B 102 8.99 -4.89 15.06
CA THR B 102 7.89 -3.99 14.77
C THR B 102 7.92 -3.55 13.32
N GLN B 103 6.78 -3.04 12.85
CA GLN B 103 6.60 -2.78 11.42
C GLN B 103 7.63 -1.80 10.89
N ASP B 104 7.97 -0.76 11.67
CA ASP B 104 9.00 0.18 11.22
C ASP B 104 10.33 -0.51 10.99
N GLU B 105 10.69 -1.47 11.85
CA GLU B 105 12.00 -2.12 11.73
C GLU B 105 12.05 -3.03 10.51
N ALA B 106 11.01 -3.85 10.30
CA ALA B 106 10.99 -4.72 9.14
C ALA B 106 10.96 -3.91 7.85
N GLY B 107 10.19 -2.82 7.83
CA GLY B 107 10.09 -2.03 6.62
C GLY B 107 11.38 -1.31 6.30
N THR B 108 12.05 -0.80 7.33
CA THR B 108 13.38 -0.21 7.13
C THR B 108 14.38 -1.26 6.65
N ALA B 109 14.32 -2.47 7.22
CA ALA B 109 15.25 -3.51 6.80
C ALA B 109 15.05 -3.84 5.33
N ALA B 110 13.79 -3.90 4.88
CA ALA B 110 13.53 -4.14 3.47
C ALA B 110 14.07 -3.02 2.59
N TYR B 111 13.73 -1.77 2.91
CA TYR B 111 14.19 -0.65 2.10
C TYR B 111 15.70 -0.61 2.04
N LYS B 112 16.35 -0.77 3.20
CA LYS B 112 17.80 -0.62 3.22
C LYS B 112 18.51 -1.80 2.60
N THR B 113 17.88 -2.98 2.57
CA THR B 113 18.41 -4.09 1.77
C THR B 113 18.45 -3.73 0.29
N VAL B 114 17.39 -3.09 -0.21
CA VAL B 114 17.40 -2.68 -1.62
C VAL B 114 18.50 -1.66 -1.84
N GLU B 115 18.65 -0.73 -0.89
CA GLU B 115 19.68 0.30 -1.00
C GLU B 115 21.08 -0.31 -1.05
N LEU B 116 21.35 -1.29 -0.20
CA LEU B 116 22.66 -1.93 -0.19
C LEU B 116 22.89 -2.72 -1.47
N ASP B 117 21.84 -3.38 -1.95
CA ASP B 117 21.91 -4.06 -3.24
C ASP B 117 22.33 -3.05 -4.32
N ASP B 118 21.66 -1.90 -4.38
CA ASP B 118 22.01 -0.88 -5.37
C ASP B 118 23.42 -0.35 -5.16
N TYR B 119 23.82 -0.17 -3.89
CA TYR B 119 25.18 0.28 -3.57
C TYR B 119 26.22 -0.64 -4.19
N LEU B 120 25.95 -1.94 -4.18
CA LEU B 120 26.83 -2.93 -4.79
C LEU B 120 26.43 -3.25 -6.22
N GLY B 121 25.82 -2.27 -6.91
CA GLY B 121 25.59 -2.41 -8.34
C GLY B 121 24.50 -3.37 -8.73
N GLY B 122 23.61 -3.74 -7.80
CA GLY B 122 22.59 -4.73 -8.07
C GLY B 122 23.08 -6.16 -7.98
N LEU B 123 24.37 -6.39 -7.79
CA LEU B 123 24.90 -7.74 -7.78
C LEU B 123 24.33 -8.61 -6.66
N PRO B 124 24.07 -8.11 -5.45
CA PRO B 124 23.55 -9.00 -4.40
C PRO B 124 22.23 -9.64 -4.76
N VAL B 125 22.07 -10.88 -4.37
CA VAL B 125 20.79 -11.57 -4.42
C VAL B 125 20.11 -11.43 -3.06
N GLN B 126 18.86 -10.97 -3.07
CA GLN B 126 18.17 -10.70 -1.83
C GLN B 126 17.43 -11.92 -1.31
N TYR B 127 17.42 -12.07 0.01
CA TYR B 127 16.72 -13.14 0.73
C TYR B 127 16.01 -12.53 1.93
N ARG B 128 14.71 -12.83 2.06
CA ARG B 128 13.94 -12.46 3.23
C ARG B 128 13.92 -13.66 4.18
N GLU B 129 14.34 -13.43 5.43
CA GLU B 129 14.48 -14.49 6.42
C GLU B 129 13.61 -14.13 7.61
N VAL B 130 12.64 -14.98 7.93
CA VAL B 130 11.80 -14.78 9.12
C VAL B 130 12.27 -15.75 10.19
N GLN B 131 12.35 -15.26 11.43
CA GLN B 131 12.72 -16.11 12.56
C GLN B 131 11.94 -17.42 12.55
N GLY B 132 12.68 -18.52 12.62
CA GLY B 132 12.10 -19.85 12.58
C GLY B 132 11.86 -20.40 11.20
N TYR B 133 12.04 -19.60 10.14
CA TYR B 133 11.81 -20.00 8.77
C TYR B 133 13.03 -19.75 7.90
N GLU B 134 14.20 -19.65 8.51
CA GLU B 134 15.38 -19.20 7.78
C GLU B 134 15.77 -20.23 6.72
N SER B 135 16.18 -19.71 5.56
CA SER B 135 16.61 -20.54 4.44
C SER B 135 17.87 -21.32 4.78
N GLU B 136 18.09 -22.40 4.01
CA GLU B 136 19.31 -23.18 4.10
C GLU B 136 20.54 -22.30 3.95
N ARG B 137 20.50 -21.37 2.98
CA ARG B 137 21.61 -20.44 2.78
C ARG B 137 21.91 -19.65 4.04
N PHE B 138 20.87 -19.07 4.67
CA PHE B 138 21.07 -18.31 5.90
C PHE B 138 21.65 -19.17 7.01
N LEU B 139 21.04 -20.34 7.25
CA LEU B 139 21.53 -21.25 8.27
C LEU B 139 23.01 -21.58 8.07
N SER B 140 23.43 -21.68 6.81
N SER B 140 23.44 -21.70 6.81
CA SER B 140 24.81 -22.08 6.51
CA SER B 140 24.81 -22.09 6.52
C SER B 140 25.83 -21.02 6.88
C SER B 140 25.83 -21.01 6.88
N LEU B 141 25.40 -19.77 7.15
CA LEU B 141 26.34 -18.73 7.52
C LEU B 141 26.86 -18.87 8.94
N PHE B 142 26.24 -19.73 9.74
CA PHE B 142 26.56 -19.82 11.15
C PHE B 142 26.66 -21.28 11.58
N LEU B 147 23.55 -20.14 15.41
CA LEU B 147 22.36 -19.28 15.34
C LEU B 147 21.63 -19.25 16.69
N ARG B 148 21.66 -18.11 17.37
CA ARG B 148 21.14 -17.96 18.73
CA ARG B 148 21.12 -17.97 18.72
C ARG B 148 20.14 -16.81 18.75
N ILE B 149 18.95 -17.07 19.29
CA ILE B 149 17.88 -16.08 19.35
C ILE B 149 17.82 -15.51 20.76
N LEU B 150 17.91 -14.19 20.86
CA LEU B 150 17.96 -13.49 22.14
C LEU B 150 16.61 -12.86 22.46
N ASP B 151 16.22 -12.90 23.73
CA ASP B 151 14.98 -12.26 24.14
C ASP B 151 15.09 -10.74 24.05
N GLY B 152 13.95 -10.11 23.74
CA GLY B 152 13.86 -8.64 23.72
C GLY B 152 14.37 -8.02 22.43
N GLY B 153 14.77 -6.76 22.53
CA GLY B 153 15.24 -6.00 21.39
C GLY B 153 15.15 -4.52 21.68
N VAL B 154 15.61 -3.73 20.70
CA VAL B 154 15.55 -2.28 20.84
C VAL B 154 14.14 -1.76 20.55
N GLU B 155 13.85 -0.58 21.10
CA GLU B 155 12.55 0.06 20.99
C GLU B 155 12.25 0.49 19.56
N THR B 156 10.96 0.37 19.19
CA THR B 156 10.48 0.87 17.90
C THR B 156 10.83 2.34 17.68
N GLY B 157 11.06 2.69 16.41
CA GLY B 157 11.23 4.07 16.02
C GLY B 157 9.94 4.83 15.82
N PHE B 158 8.80 4.12 15.77
CA PHE B 158 7.51 4.76 15.56
C PHE B 158 7.11 5.57 16.78
N HIS B 159 6.50 6.73 16.53
CA HIS B 159 5.67 7.38 17.54
C HIS B 159 4.27 6.79 17.46
N HIS B 160 3.74 6.35 18.59
CA HIS B 160 2.41 5.75 18.57
C HIS B 160 1.36 6.84 18.62
N VAL B 161 0.49 6.86 17.61
CA VAL B 161 -0.64 7.79 17.58
C VAL B 161 -1.79 7.18 18.38
N GLU B 162 -2.24 7.90 19.40
CA GLU B 162 -3.28 7.41 20.30
C GLU B 162 -4.66 7.47 19.64
#